data_6UHI
#
_entry.id   6UHI
#
_cell.length_a   51.913
_cell.length_b   51.913
_cell.length_c   85.174
_cell.angle_alpha   90.000
_cell.angle_beta   90.000
_cell.angle_gamma   120.000
#
_symmetry.space_group_name_H-M   'P 32'
#
loop_
_entity.id
_entity.type
_entity.pdbx_description
1 polymer 'Ryanodine receptor 1 chimera'
2 non-polymer GLYCEROL
3 water water
#
_entity_poly.entity_id   1
_entity_poly.type   'polypeptide(L)'
_entity_poly.pdbx_seq_one_letter_code
;DYIPEP(MSE)DLSLVDLPESLIQLSERIAENVHEVWAKARIDEGWTYGEKRDDIHKKHPCLVPYDELPEEEKEYDRNTA
(MSE)NTIK(MSE)VKKLGFRIEKEDEKAEDNLKKTKLPKTY(MSE)(MSE)SN(MSE)KENKLDYIPEP(MSE)DLSLV
DLPESLIQLSERIAENVHEVWAKARIDEGWTYGEKRDDIHKKHPCLVPYDELPEEEKEYDRNTA(MSE)NTIK(MSE)VK
KLGFRIEKED
;
_entity_poly.pdbx_strand_id   A
#
loop_
_chem_comp.id
_chem_comp.type
_chem_comp.name
_chem_comp.formula
GOL non-polymer GLYCEROL 'C3 H8 O3'
#
# COMPACT_ATOMS: atom_id res chain seq x y z
N ASP A 1 1.98 -11.57 22.14
CA ASP A 1 2.59 -10.48 22.89
C ASP A 1 2.72 -9.24 22.01
N TYR A 2 2.55 -9.42 20.70
CA TYR A 2 2.68 -8.34 19.75
C TYR A 2 1.33 -7.67 19.52
N ILE A 3 1.33 -6.34 19.59
CA ILE A 3 0.16 -5.54 19.26
C ILE A 3 0.63 -4.45 18.31
N PRO A 4 0.03 -4.32 17.13
CA PRO A 4 0.44 -3.25 16.19
C PRO A 4 0.31 -1.89 16.85
N GLU A 5 1.27 -1.01 16.56
CA GLU A 5 1.29 0.31 17.16
C GLU A 5 1.28 1.44 16.14
N PRO A 6 0.37 1.45 15.16
CA PRO A 6 0.34 2.56 14.22
C PRO A 6 -0.29 3.79 14.88
N MSE A 7 -0.14 4.92 14.21
CA MSE A 7 -0.59 6.19 14.79
C MSE A 7 -1.98 6.60 14.33
O MSE A 7 -2.58 5.96 13.47
CB MSE A 7 0.42 7.29 14.46
CG MSE A 7 0.74 7.42 12.98
SE MSE A 7 2.49 8.24 12.71
CE MSE A 7 2.46 9.48 14.22
N ASP A 8 -2.50 7.66 14.95
CA ASP A 8 -3.79 8.23 14.60
C ASP A 8 -3.58 9.21 13.45
N LEU A 9 -4.13 8.87 12.28
CA LEU A 9 -3.99 9.69 11.08
C LEU A 9 -5.19 10.58 10.81
N SER A 10 -6.19 10.58 11.69
CA SER A 10 -7.46 11.22 11.37
C SER A 10 -7.33 12.73 11.22
N LEU A 11 -6.46 13.36 12.00
CA LEU A 11 -6.36 14.82 12.00
C LEU A 11 -5.68 15.38 10.76
N VAL A 12 -5.28 14.54 9.80
CA VAL A 12 -4.61 15.03 8.61
C VAL A 12 -5.60 15.79 7.72
N ASP A 13 -5.25 17.03 7.38
CA ASP A 13 -6.08 17.86 6.51
C ASP A 13 -5.53 17.75 5.09
N LEU A 14 -5.82 16.60 4.47
CA LEU A 14 -5.52 16.41 3.07
C LEU A 14 -6.28 17.43 2.22
N PRO A 15 -5.76 17.73 1.03
CA PRO A 15 -6.53 18.50 0.06
C PRO A 15 -7.75 17.74 -0.42
N GLU A 16 -8.82 18.47 -0.70
CA GLU A 16 -10.00 17.83 -1.27
C GLU A 16 -9.76 17.40 -2.72
N SER A 17 -8.95 18.16 -3.45
CA SER A 17 -8.66 17.85 -4.84
C SER A 17 -7.81 16.59 -5.00
N LEU A 18 -7.29 16.03 -3.91
CA LEU A 18 -6.56 14.77 -3.95
C LEU A 18 -7.44 13.58 -3.62
N ILE A 19 -8.33 13.71 -2.64
CA ILE A 19 -9.24 12.63 -2.28
C ILE A 19 -10.18 12.32 -3.44
N GLN A 20 -10.45 13.31 -4.29
CA GLN A 20 -11.26 13.08 -5.49
C GLN A 20 -10.51 12.30 -6.56
N LEU A 21 -9.20 12.11 -6.41
CA LEU A 21 -8.41 11.33 -7.35
C LEU A 21 -7.82 10.08 -6.70
N SER A 22 -8.38 9.65 -5.56
CA SER A 22 -7.95 8.40 -4.96
C SER A 22 -8.22 7.20 -5.87
N GLU A 23 -9.16 7.35 -6.81
CA GLU A 23 -9.43 6.29 -7.77
C GLU A 23 -8.20 6.03 -8.66
N ARG A 24 -7.62 7.10 -9.21
CA ARG A 24 -6.49 6.94 -10.12
C ARG A 24 -5.23 6.46 -9.42
N ILE A 25 -5.14 6.67 -8.11
CA ILE A 25 -3.96 6.26 -7.36
C ILE A 25 -4.06 4.80 -6.93
N ALA A 26 -5.22 4.38 -6.43
CA ALA A 26 -5.40 2.98 -6.07
C ALA A 26 -5.47 2.08 -7.30
N GLU A 27 -5.87 2.65 -8.45
CA GLU A 27 -6.01 1.86 -9.67
C GLU A 27 -4.67 1.30 -10.13
N ASN A 28 -3.70 2.19 -10.36
CA ASN A 28 -2.40 1.75 -10.86
C ASN A 28 -1.61 1.00 -9.80
N VAL A 29 -1.87 1.29 -8.52
CA VAL A 29 -1.26 0.50 -7.45
C VAL A 29 -1.62 -0.97 -7.62
N HIS A 30 -2.86 -1.25 -8.04
CA HIS A 30 -3.24 -2.62 -8.36
C HIS A 30 -2.51 -3.11 -9.60
N GLU A 31 -2.40 -2.28 -10.63
CA GLU A 31 -1.74 -2.68 -11.87
C GLU A 31 -0.27 -2.99 -11.63
N VAL A 32 0.43 -2.13 -10.87
CA VAL A 32 1.82 -2.40 -10.53
C VAL A 32 1.93 -3.72 -9.76
N TRP A 33 0.97 -3.97 -8.87
CA TRP A 33 0.91 -5.26 -8.19
C TRP A 33 0.45 -6.37 -9.14
N ALA A 34 -0.40 -6.03 -10.12
CA ALA A 34 -0.86 -7.03 -11.06
C ALA A 34 0.23 -7.45 -12.02
N LYS A 35 1.02 -6.48 -12.50
CA LYS A 35 2.12 -6.81 -13.41
C LYS A 35 3.23 -7.57 -12.68
N ALA A 36 3.56 -7.15 -11.46
CA ALA A 36 4.66 -7.77 -10.72
C ALA A 36 4.36 -9.24 -10.42
N ARG A 37 3.17 -9.51 -9.89
CA ARG A 37 2.82 -10.88 -9.51
C ARG A 37 2.32 -11.72 -10.68
N ILE A 38 2.15 -11.13 -11.87
CA ILE A 38 1.82 -11.92 -13.05
C ILE A 38 3.08 -12.27 -13.85
N ASP A 39 4.22 -11.65 -13.55
CA ASP A 39 5.46 -11.90 -14.27
C ASP A 39 6.23 -13.09 -13.73
N GLU A 40 5.65 -13.86 -12.80
CA GLU A 40 6.25 -15.10 -12.34
C GLU A 40 5.38 -16.31 -12.69
N GLY A 41 4.42 -16.15 -13.59
CA GLY A 41 3.56 -17.23 -14.00
C GLY A 41 2.22 -17.30 -13.28
N TRP A 42 2.03 -16.54 -12.20
CA TRP A 42 0.75 -16.53 -11.52
C TRP A 42 -0.31 -15.95 -12.45
N THR A 43 -1.48 -16.60 -12.50
CA THR A 43 -2.55 -16.18 -13.38
C THR A 43 -3.84 -16.02 -12.57
N TYR A 44 -4.91 -15.64 -13.26
CA TYR A 44 -6.20 -15.44 -12.61
C TYR A 44 -6.77 -16.76 -12.10
N GLY A 45 -7.39 -16.70 -10.94
CA GLY A 45 -8.10 -17.84 -10.39
C GLY A 45 -9.14 -17.38 -9.39
N GLU A 46 -10.39 -17.83 -9.57
CA GLU A 46 -11.45 -17.45 -8.63
C GLU A 46 -11.08 -17.80 -7.19
N LYS A 47 -10.52 -18.98 -6.98
CA LYS A 47 -9.93 -19.32 -5.69
C LYS A 47 -8.43 -19.00 -5.74
N ARG A 48 -7.79 -19.07 -4.58
CA ARG A 48 -6.37 -18.79 -4.45
C ARG A 48 -5.62 -20.07 -4.07
N ASP A 49 -4.49 -20.30 -4.73
CA ASP A 49 -3.61 -21.43 -4.43
C ASP A 49 -2.17 -20.98 -4.61
N ASP A 50 -1.39 -21.06 -3.54
CA ASP A 50 0.03 -20.72 -3.64
C ASP A 50 0.76 -21.70 -4.55
N ILE A 51 0.35 -22.97 -4.52
CA ILE A 51 1.01 -23.99 -5.34
C ILE A 51 0.75 -23.74 -6.81
N HIS A 52 -0.52 -23.64 -7.19
CA HIS A 52 -0.90 -23.53 -8.59
C HIS A 52 -0.76 -22.12 -9.15
N LYS A 53 -0.34 -21.17 -8.32
CA LYS A 53 -0.07 -19.78 -8.74
C LYS A 53 -1.33 -19.14 -9.31
N LYS A 54 -2.33 -19.00 -8.45
CA LYS A 54 -3.60 -18.35 -8.80
C LYS A 54 -3.94 -17.33 -7.72
N HIS A 55 -4.73 -16.34 -8.12
CA HIS A 55 -5.07 -15.24 -7.24
C HIS A 55 -6.47 -14.75 -7.53
N PRO A 56 -7.26 -14.46 -6.50
CA PRO A 56 -8.64 -14.00 -6.74
C PRO A 56 -8.73 -12.59 -7.30
N CYS A 57 -7.80 -11.70 -6.92
CA CYS A 57 -7.91 -10.29 -7.24
C CYS A 57 -7.13 -9.89 -8.48
N LEU A 58 -6.51 -10.85 -9.18
CA LEU A 58 -5.81 -10.57 -10.43
C LEU A 58 -6.83 -10.23 -11.50
N VAL A 59 -7.31 -8.99 -11.45
CA VAL A 59 -8.45 -8.56 -12.25
C VAL A 59 -8.19 -7.14 -12.74
N PRO A 60 -8.89 -6.72 -13.80
CA PRO A 60 -9.00 -5.28 -14.06
C PRO A 60 -9.65 -4.59 -12.86
N TYR A 61 -9.17 -3.39 -12.55
CA TYR A 61 -9.54 -2.68 -11.33
C TYR A 61 -11.04 -2.73 -11.04
N ASP A 62 -11.86 -2.56 -12.07
CA ASP A 62 -13.30 -2.58 -11.87
C ASP A 62 -13.80 -3.97 -11.48
N GLU A 63 -13.18 -5.02 -12.02
CA GLU A 63 -13.60 -6.39 -11.67
C GLU A 63 -13.39 -6.71 -10.20
N LEU A 64 -12.53 -5.96 -9.51
CA LEU A 64 -12.43 -6.10 -8.07
C LEU A 64 -13.79 -5.77 -7.43
N PRO A 65 -14.19 -6.48 -6.38
CA PRO A 65 -15.42 -6.11 -5.68
C PRO A 65 -15.34 -4.68 -5.16
N GLU A 66 -16.49 -4.00 -5.16
CA GLU A 66 -16.54 -2.61 -4.69
C GLU A 66 -16.04 -2.48 -3.26
N GLU A 67 -16.19 -3.53 -2.46
CA GLU A 67 -15.68 -3.53 -1.09
C GLU A 67 -14.16 -3.41 -1.05
N GLU A 68 -13.47 -3.98 -2.05
CA GLU A 68 -12.01 -4.02 -2.01
C GLU A 68 -11.38 -2.80 -2.67
N LYS A 69 -11.96 -2.30 -3.76
CA LYS A 69 -11.48 -1.04 -4.33
C LYS A 69 -11.67 0.10 -3.35
N GLU A 70 -12.70 0.03 -2.51
CA GLU A 70 -12.84 0.97 -1.40
C GLU A 70 -11.65 0.86 -0.45
N TYR A 71 -11.24 -0.37 -0.12
CA TYR A 71 -10.10 -0.56 0.75
C TYR A 71 -8.81 -0.09 0.09
N ASP A 72 -8.65 -0.34 -1.21
CA ASP A 72 -7.49 0.15 -1.92
C ASP A 72 -7.46 1.67 -1.97
N ARG A 73 -8.63 2.32 -1.94
CA ARG A 73 -8.67 3.77 -1.87
C ARG A 73 -8.21 4.27 -0.51
N ASN A 74 -8.62 3.59 0.57
CA ASN A 74 -8.21 3.97 1.91
C ASN A 74 -6.81 3.49 2.27
N THR A 75 -6.30 2.48 1.57
CA THR A 75 -4.91 2.09 1.75
C THR A 75 -3.97 3.17 1.21
N ALA A 76 -4.33 3.75 0.05
CA ALA A 76 -3.45 4.72 -0.59
C ALA A 76 -3.47 6.06 0.12
N MSE A 77 -4.67 6.57 0.40
CA MSE A 77 -4.84 7.88 1.03
C MSE A 77 -4.17 7.97 2.42
O MSE A 77 -3.70 9.03 2.83
CB MSE A 77 -6.32 8.22 1.15
CG MSE A 77 -6.99 8.53 -0.18
SE MSE A 77 -6.05 9.89 -1.22
CE MSE A 77 -5.18 8.71 -2.51
N ASN A 78 -4.14 6.84 3.14
CA ASN A 78 -3.46 6.82 4.43
C ASN A 78 -1.97 6.99 4.30
N THR A 79 -1.40 6.63 3.14
CA THR A 79 0.02 6.87 2.91
C THR A 79 0.31 8.36 2.80
N ILE A 80 -0.52 9.07 2.03
CA ILE A 80 -0.31 10.51 1.87
C ILE A 80 -0.75 11.24 3.14
N LYS A 81 -1.68 10.68 3.90
CA LYS A 81 -1.93 11.19 5.25
C LYS A 81 -0.71 11.00 6.14
N MSE A 82 0.03 9.91 5.94
CA MSE A 82 1.28 9.68 6.66
C MSE A 82 2.36 10.63 6.19
O MSE A 82 3.17 11.10 7.00
CB MSE A 82 1.74 8.23 6.47
CG MSE A 82 1.31 7.31 7.58
SE MSE A 82 1.72 8.07 9.32
CE MSE A 82 3.64 8.30 9.09
N VAL A 83 2.40 10.92 4.89
CA VAL A 83 3.36 11.89 4.37
C VAL A 83 3.09 13.27 4.96
N LYS A 84 1.82 13.62 5.10
CA LYS A 84 1.45 14.84 5.81
C LYS A 84 1.56 14.67 7.32
N LYS A 85 1.58 13.43 7.81
CA LYS A 85 1.89 13.18 9.21
C LYS A 85 3.39 13.32 9.50
N LEU A 86 4.21 13.48 8.46
CA LEU A 86 5.64 13.69 8.61
C LEU A 86 6.03 15.15 8.38
N GLY A 87 5.08 16.07 8.51
CA GLY A 87 5.36 17.48 8.35
C GLY A 87 5.67 17.89 6.93
N PHE A 88 4.84 17.47 5.98
CA PHE A 88 4.95 17.87 4.60
C PHE A 88 3.72 18.64 4.18
N ARG A 89 3.77 19.22 2.99
CA ARG A 89 2.66 19.98 2.42
C ARG A 89 2.28 19.39 1.07
N ILE A 90 0.99 19.19 0.86
CA ILE A 90 0.46 18.73 -0.41
C ILE A 90 -0.54 19.76 -0.92
N GLU A 91 -0.27 20.32 -2.09
CA GLU A 91 -1.14 21.33 -2.69
C GLU A 91 -1.23 21.12 -4.18
N LYS A 92 -2.41 21.40 -4.74
CA LYS A 92 -2.61 21.30 -6.17
C LYS A 92 -1.78 22.36 -6.89
N GLU A 93 -1.33 22.01 -8.10
CA GLU A 93 -0.45 22.87 -8.87
C GLU A 93 -1.14 24.19 -9.26
N ILE A 123 -4.43 -6.34 -19.69
CA ILE A 123 -3.02 -6.05 -19.40
C ILE A 123 -2.90 -5.16 -18.18
N PRO A 124 -2.12 -5.60 -17.20
CA PRO A 124 -1.74 -4.70 -16.10
C PRO A 124 -0.86 -3.58 -16.60
N GLU A 125 -1.42 -2.37 -16.75
CA GLU A 125 -0.71 -1.26 -17.35
C GLU A 125 -0.22 -0.30 -16.28
N PRO A 126 1.08 -0.30 -15.95
CA PRO A 126 1.60 0.73 -15.04
C PRO A 126 2.02 1.97 -15.82
N MSE A 127 2.59 2.96 -15.14
CA MSE A 127 2.95 4.21 -15.80
C MSE A 127 4.40 4.59 -15.54
O MSE A 127 5.04 4.08 -14.63
CB MSE A 127 2.02 5.33 -15.34
CG MSE A 127 1.72 6.37 -16.40
SE MSE A 127 0.36 7.64 -15.84
CE MSE A 127 0.42 8.84 -17.36
N ASP A 128 4.92 5.52 -16.35
CA ASP A 128 6.31 5.96 -16.22
C ASP A 128 6.39 7.03 -15.14
N LEU A 129 6.13 6.61 -13.90
CA LEU A 129 6.27 7.46 -12.72
C LEU A 129 7.73 7.58 -12.28
N SER A 130 8.67 7.03 -13.05
CA SER A 130 10.07 7.01 -12.62
C SER A 130 10.68 8.40 -12.66
N LEU A 131 10.29 9.22 -13.65
CA LEU A 131 10.84 10.56 -13.80
C LEU A 131 10.43 11.50 -12.68
N VAL A 132 9.43 11.13 -11.87
CA VAL A 132 8.96 12.01 -10.81
C VAL A 132 10.04 12.16 -9.74
N ASP A 133 10.35 13.41 -9.41
CA ASP A 133 11.34 13.74 -8.39
C ASP A 133 10.65 13.97 -7.06
N LEU A 134 11.10 13.26 -6.04
CA LEU A 134 10.58 13.39 -4.68
C LEU A 134 11.62 14.07 -3.79
N PRO A 135 11.17 14.71 -2.71
CA PRO A 135 12.13 15.37 -1.82
C PRO A 135 13.04 14.36 -1.13
N GLU A 136 14.32 14.72 -0.99
CA GLU A 136 15.26 13.88 -0.27
C GLU A 136 14.82 13.72 1.19
N SER A 137 14.22 14.75 1.77
CA SER A 137 13.74 14.68 3.15
C SER A 137 12.53 13.78 3.32
N LEU A 138 11.95 13.28 2.22
CA LEU A 138 10.88 12.29 2.28
C LEU A 138 11.35 10.89 1.95
N ILE A 139 12.19 10.75 0.92
CA ILE A 139 12.74 9.44 0.57
C ILE A 139 13.48 8.84 1.75
N GLN A 140 14.08 9.69 2.59
CA GLN A 140 14.66 9.21 3.85
C GLN A 140 13.60 8.59 4.75
N LEU A 141 12.45 9.25 4.86
CA LEU A 141 11.41 8.85 5.81
C LEU A 141 10.49 7.77 5.26
N SER A 142 10.96 6.97 4.30
CA SER A 142 10.17 5.83 3.84
C SER A 142 10.02 4.76 4.90
N GLU A 143 10.96 4.70 5.85
CA GLU A 143 10.90 3.68 6.89
C GLU A 143 9.70 3.88 7.81
N ARG A 144 9.47 5.12 8.22
CA ARG A 144 8.30 5.42 9.05
C ARG A 144 7.01 5.07 8.32
N ILE A 145 6.96 5.36 7.02
CA ILE A 145 5.74 5.11 6.25
C ILE A 145 5.56 3.62 6.00
N ALA A 146 6.64 2.93 5.61
CA ALA A 146 6.54 1.51 5.31
C ALA A 146 6.16 0.71 6.54
N GLU A 147 6.65 1.12 7.71
CA GLU A 147 6.28 0.44 8.95
C GLU A 147 4.79 0.61 9.24
N ASN A 148 4.27 1.83 9.07
CA ASN A 148 2.88 2.08 9.41
C ASN A 148 1.92 1.38 8.45
N VAL A 149 2.33 1.21 7.19
CA VAL A 149 1.49 0.46 6.25
C VAL A 149 1.36 -0.98 6.72
N HIS A 150 2.45 -1.57 7.21
CA HIS A 150 2.38 -2.91 7.79
C HIS A 150 1.56 -2.91 9.08
N GLU A 151 1.75 -1.89 9.93
CA GLU A 151 1.01 -1.84 11.17
C GLU A 151 -0.47 -1.52 10.94
N VAL A 152 -0.78 -0.83 9.85
CA VAL A 152 -2.17 -0.66 9.46
C VAL A 152 -2.73 -1.96 8.91
N TRP A 153 -1.94 -2.67 8.09
CA TRP A 153 -2.41 -3.92 7.50
C TRP A 153 -2.58 -5.01 8.54
N ALA A 154 -1.72 -5.04 9.56
CA ALA A 154 -1.79 -6.08 10.58
C ALA A 154 -2.97 -5.88 11.52
N LYS A 155 -3.34 -4.64 11.81
CA LYS A 155 -4.44 -4.40 12.74
C LYS A 155 -5.77 -4.87 12.17
N ALA A 156 -5.92 -4.84 10.85
CA ALA A 156 -7.15 -5.33 10.24
C ALA A 156 -7.26 -6.84 10.40
N ARG A 157 -6.16 -7.56 10.18
CA ARG A 157 -6.17 -9.01 10.32
C ARG A 157 -6.20 -9.43 11.78
N ILE A 158 -5.66 -8.60 12.68
CA ILE A 158 -5.65 -8.97 14.09
C ILE A 158 -7.04 -8.89 14.70
N ASP A 159 -7.95 -8.11 14.11
CA ASP A 159 -9.33 -8.04 14.57
C ASP A 159 -10.29 -8.80 13.68
N GLU A 160 -9.81 -9.37 12.56
CA GLU A 160 -10.62 -10.25 11.74
C GLU A 160 -10.39 -11.72 12.05
N GLY A 161 -9.51 -12.02 13.00
CA GLY A 161 -9.29 -13.38 13.45
C GLY A 161 -7.99 -14.02 13.03
N TRP A 162 -7.06 -13.26 12.47
CA TRP A 162 -5.82 -13.84 11.99
C TRP A 162 -4.82 -14.00 13.14
N THR A 163 -3.82 -14.85 12.90
CA THR A 163 -2.80 -15.18 13.89
C THR A 163 -1.50 -15.42 13.15
N TYR A 164 -0.39 -15.19 13.85
CA TYR A 164 0.93 -15.41 13.26
C TYR A 164 1.24 -16.90 13.25
N GLY A 165 1.53 -17.43 12.06
CA GLY A 165 2.02 -18.79 11.93
C GLY A 165 3.25 -18.80 11.03
N GLU A 166 3.97 -19.91 11.09
CA GLU A 166 5.17 -20.06 10.26
C GLU A 166 4.82 -20.07 8.79
N LYS A 167 3.69 -20.69 8.43
CA LYS A 167 3.22 -20.70 7.04
C LYS A 167 1.74 -20.34 7.02
N ARG A 168 1.24 -20.07 5.82
CA ARG A 168 -0.09 -19.49 5.66
C ARG A 168 -1.18 -20.55 5.65
N ASP A 169 -2.32 -20.21 6.26
CA ASP A 169 -3.56 -20.96 6.10
C ASP A 169 -4.73 -20.00 6.26
N ASP A 170 -5.70 -20.10 5.36
CA ASP A 170 -6.83 -19.18 5.40
C ASP A 170 -7.89 -19.60 6.41
N ILE A 171 -8.18 -20.91 6.50
CA ILE A 171 -9.24 -21.37 7.37
C ILE A 171 -8.88 -21.12 8.84
N HIS A 172 -7.65 -21.46 9.23
CA HIS A 172 -7.17 -21.19 10.57
C HIS A 172 -6.61 -19.79 10.72
N LYS A 173 -6.56 -19.01 9.62
CA LYS A 173 -6.16 -17.60 9.64
C LYS A 173 -4.75 -17.44 10.20
N LYS A 174 -3.78 -17.93 9.42
CA LYS A 174 -2.37 -17.83 9.76
C LYS A 174 -1.61 -17.17 8.63
N HIS A 175 -0.63 -16.34 8.99
CA HIS A 175 0.14 -15.57 8.02
C HIS A 175 1.56 -15.36 8.55
N PRO A 176 2.58 -15.53 7.70
CA PRO A 176 3.96 -15.36 8.16
C PRO A 176 4.34 -13.91 8.43
N CYS A 177 3.68 -12.95 7.79
CA CYS A 177 4.06 -11.54 7.92
C CYS A 177 3.42 -10.87 9.12
N LEU A 178 2.83 -11.62 10.05
CA LEU A 178 2.30 -11.06 11.30
C LEU A 178 3.41 -11.00 12.34
N VAL A 179 4.41 -10.19 12.05
CA VAL A 179 5.58 -10.01 12.90
C VAL A 179 5.82 -8.52 13.08
N PRO A 180 6.45 -8.09 14.17
CA PRO A 180 6.85 -6.68 14.29
C PRO A 180 7.70 -6.27 13.10
N TYR A 181 7.50 -5.03 12.64
CA TYR A 181 8.04 -4.62 11.34
C TYR A 181 9.55 -4.76 11.29
N ASP A 182 10.24 -4.42 12.39
CA ASP A 182 11.69 -4.57 12.46
C ASP A 182 12.14 -6.02 12.33
N GLU A 183 11.23 -6.98 12.47
CA GLU A 183 11.56 -8.39 12.33
C GLU A 183 11.07 -8.99 11.02
N LEU A 184 10.53 -8.17 10.12
CA LEU A 184 10.10 -8.66 8.82
C LEU A 184 11.33 -8.92 7.94
N PRO A 185 11.26 -9.90 7.05
CA PRO A 185 12.34 -10.09 6.08
C PRO A 185 12.60 -8.82 5.29
N GLU A 186 13.87 -8.40 5.25
CA GLU A 186 14.23 -7.16 4.58
C GLU A 186 13.93 -7.20 3.09
N GLU A 187 13.81 -8.40 2.51
CA GLU A 187 13.38 -8.52 1.13
C GLU A 187 11.95 -8.01 0.95
N GLU A 188 11.14 -8.06 2.00
CA GLU A 188 9.82 -7.46 1.98
C GLU A 188 9.77 -6.15 2.74
N LYS A 189 10.77 -5.85 3.57
CA LYS A 189 10.98 -4.49 4.05
C LYS A 189 11.46 -3.56 2.95
N GLU A 190 11.95 -4.11 1.84
CA GLU A 190 12.25 -3.30 0.67
C GLU A 190 11.03 -3.09 -0.21
N TYR A 191 10.09 -4.04 -0.20
CA TYR A 191 8.91 -3.91 -1.05
C TYR A 191 7.93 -2.89 -0.48
N ASP A 192 7.84 -2.79 0.85
CA ASP A 192 6.85 -1.93 1.46
C ASP A 192 7.12 -0.45 1.19
N ARG A 193 8.39 -0.05 1.24
CA ARG A 193 8.72 1.37 1.13
C ARG A 193 8.39 1.91 -0.27
N ASN A 194 8.96 1.30 -1.31
CA ASN A 194 8.74 1.80 -2.66
C ASN A 194 7.30 1.60 -3.11
N THR A 195 6.62 0.55 -2.64
CA THR A 195 5.20 0.42 -2.92
C THR A 195 4.43 1.61 -2.36
N ALA A 196 4.66 1.93 -1.08
CA ALA A 196 4.06 3.13 -0.51
C ALA A 196 4.55 4.40 -1.18
N MSE A 197 5.79 4.39 -1.69
CA MSE A 197 6.36 5.59 -2.29
C MSE A 197 6.01 5.71 -3.77
O MSE A 197 6.03 6.80 -4.33
CB MSE A 197 7.87 5.60 -2.10
CG MSE A 197 8.28 5.99 -0.69
SE MSE A 197 9.47 7.51 -0.72
CE MSE A 197 10.62 6.90 -2.18
N ASN A 198 5.70 4.58 -4.40
CA ASN A 198 5.06 4.64 -5.71
C ASN A 198 3.63 5.15 -5.57
N THR A 199 2.99 4.80 -4.46
CA THR A 199 1.72 5.42 -4.10
C THR A 199 1.89 6.92 -3.90
N ILE A 200 3.10 7.36 -3.62
CA ILE A 200 3.42 8.78 -3.50
C ILE A 200 3.96 9.35 -4.81
N LYS A 201 4.74 8.55 -5.54
CA LYS A 201 5.24 8.98 -6.85
C LYS A 201 4.10 9.34 -7.78
N MSE A 202 2.98 8.64 -7.67
CA MSE A 202 1.81 8.88 -8.49
C MSE A 202 1.15 10.20 -8.11
O MSE A 202 0.62 10.91 -8.97
CB MSE A 202 0.83 7.73 -8.34
CG MSE A 202 -0.05 7.49 -9.55
SE MSE A 202 -0.43 5.61 -9.69
CE MSE A 202 0.09 5.04 -7.90
N VAL A 203 1.17 10.51 -6.81
CA VAL A 203 0.54 11.73 -6.32
C VAL A 203 1.15 12.96 -6.97
N LYS A 204 2.49 13.04 -6.98
CA LYS A 204 3.15 14.19 -7.58
C LYS A 204 3.05 14.17 -9.10
N LYS A 205 3.00 12.98 -9.70
CA LYS A 205 2.72 12.88 -11.13
C LYS A 205 1.39 13.54 -11.48
N LEU A 206 0.45 13.57 -10.53
CA LEU A 206 -0.83 14.23 -10.70
C LEU A 206 -0.81 15.69 -10.25
N GLY A 207 0.37 16.28 -10.10
CA GLY A 207 0.49 17.69 -9.82
C GLY A 207 0.04 18.13 -8.44
N PHE A 208 0.54 17.46 -7.41
CA PHE A 208 0.29 17.85 -6.02
C PHE A 208 1.65 18.10 -5.37
N ARG A 209 1.99 19.38 -5.19
CA ARG A 209 3.29 19.77 -4.66
C ARG A 209 3.59 19.03 -3.37
N ILE A 210 4.83 18.59 -3.21
CA ILE A 210 5.25 17.90 -2.00
C ILE A 210 6.57 18.51 -1.55
N GLU A 211 6.58 19.11 -0.36
CA GLU A 211 7.75 19.81 0.14
C GLU A 211 7.69 19.82 1.66
N LYS A 212 8.87 19.91 2.27
CA LYS A 212 9.00 19.91 3.73
C LYS A 212 8.34 21.15 4.33
N GLU A 213 7.89 21.01 5.57
CA GLU A 213 7.32 22.11 6.34
C GLU A 213 8.30 22.54 7.41
N ASP A 214 8.57 23.84 7.48
CA ASP A 214 9.53 24.38 8.44
C ASP A 214 8.99 24.33 9.86
C1 GOL B . -4.12 22.90 2.41
O1 GOL B . -3.97 22.58 1.07
C2 GOL B . -4.48 21.58 3.15
O2 GOL B . -5.50 20.89 2.52
C3 GOL B . -4.86 22.03 4.59
O3 GOL B . -3.73 22.64 5.13
#